data_6S4M
#
_entry.id   6S4M
#
_cell.length_a   55.994
_cell.length_b   70.375
_cell.length_c   63.440
_cell.angle_alpha   90.000
_cell.angle_beta   115.450
_cell.angle_gamma   90.000
#
_symmetry.space_group_name_H-M   'P 1 21 1'
#
loop_
_entity.id
_entity.type
_entity.pdbx_description
1 polymer 'Major facilitator superfamily domain-containing protein 10'
2 non-polymer '(2R)-2,3-dihydroxypropyl (9Z)-octadec-9-enoate'
3 non-polymer 'CITRIC ACID'
4 water water
#
_entity_poly.entity_id   1
_entity_poly.type   'polypeptide(L)'
_entity_poly.pdbx_seq_one_letter_code
;MGWGGGGGCTPRPPIHQQPPERRVVTVVFLGLLLDLLAFTLLLPLLPGLLESHGRAHDPLYGSWQGGVDWFATAIGMPVE
KRYNSVLFGGLIGSAFSVLQFLCAPLTGATSDCLGRRPVMLLCLMGVATSYAVWATSRSFAAFLASRLIGGISKGNVSLS
TAIVADLGSPLARSQGMAVIGVAFSLGFTLGPMLGASLPLEMAPWFALLFAASDLLFIFCFLPETLPLEKRAPSIALGFR
DAADLLSPLALLRFSAVARGQDPPSGDRLSSLRRLGLVYFLYLFLFSGLEYTLSFLTHQRFQFSSLQQGKMFFLIGLTMA
TIQGAYARRIHPGGEVAAVKRALLLLVPAFLLIGWGRSLPVLGLGLLLYSFAAAVVVPCLSSVVAGYGSPGQKGTVMGTL
RSLGALARAAGPLVAASVYWLAGAQACFTTWSGLFLLPFFLLQKAENLYFQ
;
_entity_poly.pdbx_strand_id   A
#
loop_
_chem_comp.id
_chem_comp.type
_chem_comp.name
_chem_comp.formula
CIT non-polymer 'CITRIC ACID' 'C6 H8 O7'
OLC non-polymer '(2R)-2,3-dihydroxypropyl (9Z)-octadec-9-enoate' 'C21 H40 O4'
#
# COMPACT_ATOMS: atom_id res chain seq x y z
N GLN A 18 -23.51 -7.19 -17.37
CA GLN A 18 -22.42 -8.20 -17.54
C GLN A 18 -22.63 -9.32 -16.51
N PRO A 19 -21.89 -10.46 -16.62
CA PRO A 19 -21.87 -11.51 -15.58
C PRO A 19 -21.69 -11.04 -14.12
N PRO A 20 -21.99 -11.90 -13.12
CA PRO A 20 -21.87 -11.50 -11.70
C PRO A 20 -20.43 -11.13 -11.29
N GLU A 21 -19.42 -11.66 -11.98
CA GLU A 21 -17.98 -11.42 -11.71
C GLU A 21 -17.63 -9.98 -12.09
N ARG A 22 -18.11 -9.48 -13.24
CA ARG A 22 -17.96 -8.05 -13.66
C ARG A 22 -18.58 -7.15 -12.59
N ARG A 23 -19.82 -7.45 -12.16
CA ARG A 23 -20.61 -6.64 -11.19
C ARG A 23 -19.85 -6.46 -9.87
N VAL A 24 -19.14 -7.48 -9.38
CA VAL A 24 -18.45 -7.44 -8.05
C VAL A 24 -17.20 -6.58 -8.16
N VAL A 25 -16.41 -6.83 -9.20
CA VAL A 25 -15.13 -6.12 -9.47
C VAL A 25 -15.45 -4.65 -9.66
N THR A 26 -16.53 -4.33 -10.39
CA THR A 26 -17.02 -2.95 -10.62
C THR A 26 -17.28 -2.26 -9.28
N VAL A 27 -18.06 -2.90 -8.40
CA VAL A 27 -18.41 -2.38 -7.04
C VAL A 27 -17.12 -2.27 -6.22
N VAL A 28 -16.25 -3.27 -6.24
CA VAL A 28 -15.00 -3.28 -5.44
C VAL A 28 -14.12 -2.10 -5.88
N PHE A 29 -14.02 -1.89 -7.20
CA PHE A 29 -13.18 -0.84 -7.82
C PHE A 29 -13.75 0.53 -7.42
N LEU A 30 -15.04 0.76 -7.61
CA LEU A 30 -15.58 2.13 -7.35
C LEU A 30 -15.49 2.41 -5.84
N GLY A 31 -15.86 1.46 -4.99
CA GLY A 31 -15.74 1.57 -3.52
C GLY A 31 -14.34 1.97 -3.09
N LEU A 32 -13.33 1.21 -3.55
CA LEU A 32 -11.88 1.39 -3.24
C LEU A 32 -11.40 2.76 -3.75
N LEU A 33 -11.78 3.16 -4.97
CA LEU A 33 -11.40 4.49 -5.52
C LEU A 33 -11.99 5.60 -4.63
N LEU A 34 -13.23 5.45 -4.18
CA LEU A 34 -13.82 6.42 -3.22
C LEU A 34 -12.97 6.45 -1.95
N ASP A 35 -12.61 5.28 -1.41
CA ASP A 35 -11.74 5.16 -0.22
C ASP A 35 -10.42 5.90 -0.45
N LEU A 36 -9.78 5.71 -1.60
CA LEU A 36 -8.37 6.14 -1.78
C LEU A 36 -8.30 7.63 -2.09
N LEU A 37 -9.29 8.17 -2.80
CA LEU A 37 -9.50 9.63 -2.95
C LEU A 37 -9.55 10.25 -1.55
N ALA A 38 -10.38 9.73 -0.65
CA ALA A 38 -10.58 10.21 0.74
C ALA A 38 -9.22 10.28 1.48
N PHE A 39 -8.38 9.25 1.37
CA PHE A 39 -7.08 9.17 2.07
C PHE A 39 -6.05 10.13 1.41
N THR A 40 -5.87 10.04 0.09
CA THR A 40 -4.75 10.69 -0.63
C THR A 40 -4.97 12.21 -0.72
N LEU A 41 -6.24 12.61 -0.71
CA LEU A 41 -6.75 14.00 -0.65
C LEU A 41 -5.94 14.83 0.37
N LEU A 42 -5.68 14.29 1.56
CA LEU A 42 -5.06 15.05 2.69
C LEU A 42 -3.53 15.06 2.59
N LEU A 43 -2.91 14.25 1.73
CA LEU A 43 -1.43 14.09 1.70
C LEU A 43 -0.68 15.35 1.28
N PRO A 44 -1.11 16.15 0.26
CA PRO A 44 -0.38 17.37 -0.11
C PRO A 44 -0.50 18.49 0.95
N LEU A 45 -1.50 18.37 1.83
CA LEU A 45 -1.82 19.30 2.94
C LEU A 45 -1.02 18.98 4.21
N LEU A 46 -0.37 17.82 4.29
CA LEU A 46 0.22 17.35 5.57
C LEU A 46 1.40 18.25 5.96
N PRO A 47 2.30 18.63 5.04
CA PRO A 47 3.33 19.63 5.35
C PRO A 47 2.81 20.90 6.05
N GLY A 48 1.73 21.49 5.55
CA GLY A 48 1.19 22.74 6.14
C GLY A 48 0.65 22.51 7.54
N LEU A 49 -0.01 21.35 7.74
CA LEU A 49 -0.66 20.94 9.01
C LEU A 49 0.39 20.66 10.09
N LEU A 50 1.51 20.02 9.75
CA LEU A 50 2.63 19.86 10.70
C LEU A 50 3.21 21.23 11.07
N GLU A 51 3.39 22.10 10.08
CA GLU A 51 4.00 23.43 10.23
C GLU A 51 3.12 24.31 11.14
N SER A 52 1.80 24.22 10.98
CA SER A 52 0.77 24.85 11.87
C SER A 52 0.96 24.41 13.33
N HIS A 53 1.16 23.11 13.57
CA HIS A 53 1.32 22.55 14.94
C HIS A 53 2.62 23.05 15.58
N GLY A 54 3.73 23.01 14.82
CA GLY A 54 5.03 23.57 15.24
C GLY A 54 4.89 25.03 15.63
N ARG A 55 4.06 25.76 14.91
CA ARG A 55 3.93 27.22 15.04
C ARG A 55 2.97 27.58 16.19
N ALA A 56 2.18 26.63 16.69
CA ALA A 56 1.21 26.84 17.81
C ALA A 56 1.79 26.29 19.11
N HIS A 57 2.97 25.69 19.05
CA HIS A 57 3.75 25.15 20.19
C HIS A 57 3.08 23.90 20.75
N ASP A 58 2.33 23.16 19.92
CA ASP A 58 1.69 21.89 20.34
C ASP A 58 2.75 21.04 21.01
N PRO A 59 2.59 20.73 22.33
CA PRO A 59 3.64 20.06 23.09
C PRO A 59 3.72 18.58 22.70
N LEU A 60 2.62 18.01 22.19
CA LEU A 60 2.61 16.62 21.63
C LEU A 60 3.37 16.60 20.29
N TYR A 61 3.08 17.55 19.39
CA TYR A 61 3.84 17.80 18.12
C TYR A 61 5.33 17.80 18.44
N GLY A 62 5.74 18.69 19.37
CA GLY A 62 7.11 18.81 19.92
C GLY A 62 7.74 17.50 20.34
N SER A 63 7.00 16.56 20.92
CA SER A 63 7.48 15.19 21.25
C SER A 63 7.96 14.51 19.97
N TRP A 64 7.06 14.41 18.99
CA TRP A 64 7.27 13.71 17.71
C TRP A 64 8.36 14.43 16.88
N GLN A 65 8.33 15.75 16.83
CA GLN A 65 9.38 16.60 16.21
C GLN A 65 10.74 16.27 16.84
N GLY A 66 10.73 16.01 18.16
CA GLY A 66 11.91 15.59 18.93
C GLY A 66 12.43 14.25 18.43
N GLY A 67 11.53 13.33 18.12
CA GLY A 67 11.87 12.00 17.56
C GLY A 67 12.43 12.11 16.15
N VAL A 68 11.79 12.92 15.30
CA VAL A 68 12.20 13.14 13.89
C VAL A 68 13.62 13.73 13.91
N ASP A 69 13.85 14.72 14.79
CA ASP A 69 15.16 15.38 15.01
C ASP A 69 16.23 14.34 15.36
N TRP A 70 16.01 13.53 16.41
CA TRP A 70 16.96 12.46 16.84
C TRP A 70 17.34 11.65 15.60
N PHE A 71 16.35 11.19 14.84
CA PHE A 71 16.54 10.40 13.60
C PHE A 71 17.35 11.25 12.60
N ALA A 72 16.97 12.51 12.37
CA ALA A 72 17.65 13.40 11.40
C ALA A 72 19.14 13.49 11.76
N THR A 73 19.47 13.63 13.06
CA THR A 73 20.87 13.70 13.57
C THR A 73 21.60 12.36 13.35
N ALA A 74 20.95 11.23 13.66
CA ALA A 74 21.51 9.86 13.64
C ALA A 74 21.98 9.50 12.22
N ILE A 75 21.18 9.80 11.19
CA ILE A 75 21.45 9.47 9.77
C ILE A 75 22.31 10.58 9.09
N GLY A 76 22.53 11.72 9.76
CA GLY A 76 23.31 12.85 9.23
C GLY A 76 22.54 13.64 8.18
N MET A 77 21.22 13.82 8.35
CA MET A 77 20.35 14.58 7.41
C MET A 77 20.49 16.07 7.70
N PRO A 78 20.84 16.91 6.69
CA PRO A 78 20.97 18.36 6.92
C PRO A 78 19.66 18.94 7.48
N VAL A 79 19.76 20.01 8.27
CA VAL A 79 18.62 20.79 8.83
C VAL A 79 18.06 21.66 7.70
N GLU A 80 16.80 21.45 7.29
CA GLU A 80 16.13 22.23 6.21
C GLU A 80 14.63 21.89 6.22
N LYS A 81 13.78 22.90 6.09
CA LYS A 81 12.30 22.79 6.26
C LYS A 81 11.77 21.56 5.49
N ARG A 82 12.08 21.43 4.20
CA ARG A 82 11.43 20.42 3.32
C ARG A 82 11.99 19.02 3.60
N TYR A 83 13.26 18.92 4.06
CA TYR A 83 13.90 17.63 4.45
C TYR A 83 13.27 17.11 5.74
N ASN A 84 12.92 18.03 6.63
CA ASN A 84 12.22 17.71 7.91
C ASN A 84 10.79 17.26 7.56
N SER A 85 10.09 18.04 6.73
CA SER A 85 8.68 17.84 6.31
C SER A 85 8.51 16.40 5.78
N VAL A 86 9.41 15.99 4.87
CA VAL A 86 9.43 14.68 4.15
C VAL A 86 9.79 13.58 5.14
N LEU A 87 10.77 13.81 6.02
CA LEU A 87 11.18 12.82 7.05
C LEU A 87 10.05 12.62 8.05
N PHE A 88 9.41 13.71 8.51
CA PHE A 88 8.27 13.64 9.47
C PHE A 88 7.14 12.86 8.80
N GLY A 89 6.80 13.21 7.56
CA GLY A 89 5.82 12.48 6.73
C GLY A 89 6.18 11.01 6.58
N GLY A 90 7.46 10.67 6.66
CA GLY A 90 7.92 9.27 6.52
C GLY A 90 7.78 8.47 7.79
N LEU A 91 8.14 9.05 8.94
CA LEU A 91 7.84 8.46 10.26
C LEU A 91 6.34 8.21 10.40
N ILE A 92 5.53 9.20 10.03
CA ILE A 92 4.04 9.14 10.15
C ILE A 92 3.53 8.01 9.24
N GLY A 93 3.95 8.02 7.98
CA GLY A 93 3.62 6.95 7.02
C GLY A 93 3.98 5.58 7.56
N SER A 94 5.12 5.47 8.26
CA SER A 94 5.67 4.19 8.78
C SER A 94 4.83 3.65 9.95
N ALA A 95 4.56 4.47 10.97
CA ALA A 95 3.67 4.17 12.12
C ALA A 95 2.31 3.66 11.62
N PHE A 96 1.70 4.35 10.64
CA PHE A 96 0.44 3.97 9.94
C PHE A 96 0.54 2.56 9.31
N SER A 97 1.58 2.25 8.50
CA SER A 97 1.82 0.89 7.89
C SER A 97 1.97 -0.19 8.98
N VAL A 98 2.56 0.14 10.13
CA VAL A 98 2.63 -0.82 11.27
C VAL A 98 1.19 -1.16 11.68
N LEU A 99 0.26 -0.20 11.66
CA LEU A 99 -1.16 -0.45 12.05
C LEU A 99 -1.84 -1.36 11.01
N GLN A 100 -1.55 -1.17 9.74
CA GLN A 100 -2.09 -1.94 8.61
C GLN A 100 -1.57 -3.38 8.67
N PHE A 101 -0.31 -3.54 9.04
CA PHE A 101 0.34 -4.86 9.22
C PHE A 101 -0.35 -5.62 10.35
N LEU A 102 -0.60 -4.93 11.48
CA LEU A 102 -1.18 -5.55 12.70
C LEU A 102 -2.58 -6.08 12.37
N CYS A 103 -3.36 -5.35 11.56
CA CYS A 103 -4.82 -5.53 11.49
C CYS A 103 -5.23 -6.35 10.26
N ALA A 104 -4.40 -6.43 9.21
CA ALA A 104 -4.78 -7.07 7.92
C ALA A 104 -5.04 -8.58 8.08
N PRO A 105 -4.18 -9.36 8.76
CA PRO A 105 -4.43 -10.79 8.94
C PRO A 105 -5.72 -11.06 9.74
N LEU A 106 -5.86 -10.43 10.90
CA LEU A 106 -7.07 -10.53 11.75
C LEU A 106 -8.32 -10.22 10.91
N THR A 107 -8.36 -9.06 10.25
CA THR A 107 -9.56 -8.62 9.49
C THR A 107 -9.89 -9.71 8.45
N GLY A 108 -8.85 -10.22 7.75
CA GLY A 108 -8.96 -11.33 6.80
C GLY A 108 -9.58 -12.59 7.40
N ALA A 109 -8.99 -13.09 8.47
CA ALA A 109 -9.42 -14.33 9.18
C ALA A 109 -10.87 -14.21 9.67
N THR A 110 -11.19 -13.05 10.27
CA THR A 110 -12.57 -12.68 10.72
C THR A 110 -13.53 -12.79 9.54
N SER A 111 -13.19 -12.23 8.39
CA SER A 111 -14.11 -12.23 7.21
C SER A 111 -14.25 -13.67 6.66
N ASP A 112 -13.18 -14.47 6.70
CA ASP A 112 -13.21 -15.92 6.33
C ASP A 112 -14.30 -16.65 7.14
N CYS A 113 -14.52 -16.21 8.37
CA CYS A 113 -15.44 -16.82 9.36
C CYS A 113 -16.85 -16.19 9.32
N LEU A 114 -16.98 -14.89 9.05
CA LEU A 114 -18.27 -14.14 9.13
C LEU A 114 -18.80 -13.70 7.75
N GLY A 115 -18.03 -13.86 6.66
CA GLY A 115 -18.34 -13.29 5.32
C GLY A 115 -17.62 -11.97 5.06
N ARG A 116 -17.48 -11.56 3.80
CA ARG A 116 -16.74 -10.34 3.34
C ARG A 116 -17.54 -9.07 3.66
N ARG A 117 -18.86 -9.12 3.50
CA ARG A 117 -19.75 -7.93 3.57
C ARG A 117 -19.79 -7.39 5.00
N PRO A 118 -20.05 -8.21 6.06
CA PRO A 118 -20.11 -7.68 7.43
C PRO A 118 -18.79 -7.07 7.90
N VAL A 119 -17.66 -7.65 7.47
CA VAL A 119 -16.32 -7.16 7.90
C VAL A 119 -15.94 -5.95 7.03
N MET A 120 -16.24 -5.98 5.75
CA MET A 120 -16.01 -4.80 4.90
C MET A 120 -16.75 -3.61 5.52
N LEU A 121 -18.01 -3.81 5.94
CA LEU A 121 -18.85 -2.72 6.49
C LEU A 121 -18.31 -2.26 7.85
N LEU A 122 -17.85 -3.15 8.71
CA LEU A 122 -17.24 -2.69 9.98
C LEU A 122 -16.06 -1.79 9.62
N CYS A 123 -15.20 -2.22 8.71
CA CYS A 123 -13.99 -1.46 8.34
C CYS A 123 -14.40 -0.08 7.82
N LEU A 124 -15.39 0.02 6.97
CA LEU A 124 -15.75 1.33 6.35
C LEU A 124 -16.38 2.27 7.39
N MET A 125 -17.11 1.76 8.37
CA MET A 125 -17.62 2.61 9.48
C MET A 125 -16.43 3.17 10.26
N GLY A 126 -15.39 2.37 10.52
CA GLY A 126 -14.09 2.83 11.08
C GLY A 126 -13.45 3.93 10.23
N VAL A 127 -13.40 3.78 8.90
CA VAL A 127 -12.74 4.77 7.99
C VAL A 127 -13.57 6.06 8.01
N ALA A 128 -14.90 5.92 7.99
CA ALA A 128 -15.82 7.07 8.01
C ALA A 128 -15.62 7.82 9.34
N THR A 129 -15.44 7.05 10.43
CA THR A 129 -15.23 7.63 11.80
C THR A 129 -13.88 8.32 11.86
N SER A 130 -12.85 7.73 11.24
CA SER A 130 -11.50 8.35 11.18
C SER A 130 -11.64 9.79 10.66
N TYR A 131 -12.45 10.01 9.62
CA TYR A 131 -12.59 11.33 8.94
C TYR A 131 -13.56 12.20 9.72
N ALA A 132 -14.56 11.62 10.37
CA ALA A 132 -15.42 12.37 11.31
C ALA A 132 -14.53 13.03 12.37
N VAL A 133 -13.52 12.33 12.86
CA VAL A 133 -12.70 12.83 14.00
C VAL A 133 -11.88 14.03 13.50
N TRP A 134 -11.09 13.81 12.45
CA TRP A 134 -10.23 14.83 11.81
C TRP A 134 -11.07 16.07 11.48
N ALA A 135 -12.25 15.89 10.89
CA ALA A 135 -13.20 16.97 10.61
C ALA A 135 -13.39 17.84 11.85
N THR A 136 -13.56 17.25 13.04
CA THR A 136 -14.01 17.97 14.26
C THR A 136 -12.88 18.81 14.88
N SER A 137 -11.62 18.34 14.80
CA SER A 137 -10.44 18.97 15.47
C SER A 137 -9.20 18.86 14.58
N ARG A 138 -8.41 19.96 14.52
CA ARG A 138 -7.17 20.12 13.70
C ARG A 138 -5.91 20.07 14.58
N SER A 139 -5.98 19.53 15.79
CA SER A 139 -4.84 19.37 16.73
C SER A 139 -4.01 18.16 16.32
N PHE A 140 -2.77 18.05 16.79
CA PHE A 140 -1.87 16.91 16.50
C PHE A 140 -2.48 15.64 17.12
N ALA A 141 -3.13 15.81 18.27
CA ALA A 141 -3.80 14.74 19.02
C ALA A 141 -4.95 14.19 18.16
N ALA A 142 -5.85 15.05 17.70
CA ALA A 142 -6.94 14.66 16.77
C ALA A 142 -6.34 14.00 15.53
N PHE A 143 -5.19 14.50 15.07
CA PHE A 143 -4.53 13.97 13.85
C PHE A 143 -4.16 12.51 14.10
N LEU A 144 -3.40 12.23 15.17
CA LEU A 144 -2.95 10.87 15.55
C LEU A 144 -4.15 9.98 15.90
N ALA A 145 -5.20 10.51 16.54
CA ALA A 145 -6.42 9.73 16.88
C ALA A 145 -7.08 9.30 15.58
N SER A 146 -7.19 10.23 14.64
CA SER A 146 -7.73 9.97 13.29
C SER A 146 -6.88 8.88 12.59
N ARG A 147 -5.56 9.01 12.57
CA ARG A 147 -4.64 8.03 11.93
C ARG A 147 -4.75 6.65 12.59
N LEU A 148 -4.81 6.59 13.93
CA LEU A 148 -4.94 5.31 14.66
C LEU A 148 -6.21 4.61 14.19
N ILE A 149 -7.36 5.25 14.26
CA ILE A 149 -8.65 4.60 13.89
C ILE A 149 -8.61 4.19 12.42
N GLY A 150 -8.20 5.10 11.51
CA GLY A 150 -8.11 4.84 10.05
C GLY A 150 -7.15 3.69 9.77
N GLY A 151 -6.06 3.63 10.54
CA GLY A 151 -5.05 2.56 10.45
C GLY A 151 -5.64 1.18 10.74
N ILE A 152 -6.42 1.05 11.83
CA ILE A 152 -6.89 -0.28 12.31
C ILE A 152 -8.08 -0.70 11.45
N SER A 153 -8.62 0.22 10.66
CA SER A 153 -9.80 -0.02 9.80
C SER A 153 -9.40 -0.09 8.32
N LYS A 154 -8.12 -0.27 8.00
CA LYS A 154 -7.64 -0.22 6.58
C LYS A 154 -7.68 -1.61 5.97
N GLY A 155 -8.33 -2.57 6.63
CA GLY A 155 -8.57 -3.93 6.12
C GLY A 155 -9.45 -3.93 4.89
N ASN A 156 -10.25 -2.86 4.69
CA ASN A 156 -11.12 -2.72 3.47
C ASN A 156 -10.24 -3.00 2.23
N VAL A 157 -8.99 -2.54 2.23
CA VAL A 157 -8.04 -2.76 1.12
C VAL A 157 -7.85 -4.29 0.93
N SER A 158 -7.39 -5.01 1.95
CA SER A 158 -7.14 -6.48 1.86
C SER A 158 -8.46 -7.26 1.66
N LEU A 159 -9.59 -6.75 2.17
CA LEU A 159 -10.91 -7.39 1.90
C LEU A 159 -11.28 -7.24 0.42
N SER A 160 -10.81 -6.20 -0.26
CA SER A 160 -11.10 -5.98 -1.70
C SER A 160 -10.40 -7.07 -2.49
N THR A 161 -9.11 -7.28 -2.20
CA THR A 161 -8.27 -8.34 -2.82
C THR A 161 -8.86 -9.71 -2.48
N ALA A 162 -9.33 -9.94 -1.25
CA ALA A 162 -9.97 -11.21 -0.83
C ALA A 162 -11.20 -11.47 -1.69
N ILE A 163 -12.04 -10.45 -1.91
CA ILE A 163 -13.31 -10.56 -2.68
C ILE A 163 -12.99 -10.94 -4.13
N VAL A 164 -11.95 -10.35 -4.71
CA VAL A 164 -11.49 -10.70 -6.08
C VAL A 164 -11.04 -12.18 -6.08
N ALA A 165 -10.26 -12.58 -5.07
CA ALA A 165 -9.75 -13.96 -4.87
C ALA A 165 -10.92 -14.95 -4.70
N ASP A 166 -12.10 -14.50 -4.27
CA ASP A 166 -13.33 -15.34 -4.18
C ASP A 166 -13.84 -15.73 -5.58
N LEU A 167 -13.42 -15.05 -6.63
CA LEU A 167 -14.02 -15.22 -7.97
C LEU A 167 -13.57 -16.55 -8.58
N GLY A 168 -14.36 -17.05 -9.53
CA GLY A 168 -14.32 -18.44 -10.01
C GLY A 168 -13.06 -18.76 -10.79
N SER A 169 -12.58 -17.87 -11.66
CA SER A 169 -11.58 -18.23 -12.71
C SER A 169 -10.26 -17.53 -12.42
N PRO A 170 -9.10 -18.13 -12.80
CA PRO A 170 -7.84 -17.41 -12.85
C PRO A 170 -7.91 -16.09 -13.64
N LEU A 171 -8.69 -16.04 -14.72
CA LEU A 171 -8.87 -14.83 -15.57
C LEU A 171 -9.55 -13.74 -14.73
N ALA A 172 -10.74 -14.04 -14.19
CA ALA A 172 -11.48 -13.20 -13.23
C ALA A 172 -10.52 -12.62 -12.19
N ARG A 173 -9.70 -13.45 -11.55
CA ARG A 173 -8.75 -13.03 -10.49
C ARG A 173 -7.67 -12.12 -11.09
N SER A 174 -6.97 -12.53 -12.14
CA SER A 174 -5.79 -11.75 -12.61
C SER A 174 -6.25 -10.35 -13.05
N GLN A 175 -7.43 -10.24 -13.65
CA GLN A 175 -8.01 -8.94 -14.10
C GLN A 175 -8.53 -8.14 -12.91
N GLY A 176 -9.16 -8.82 -11.95
CA GLY A 176 -9.57 -8.21 -10.67
C GLY A 176 -8.42 -7.48 -10.01
N MET A 177 -7.27 -8.15 -9.85
CA MET A 177 -6.06 -7.58 -9.20
C MET A 177 -5.54 -6.42 -10.03
N ALA A 178 -5.55 -6.53 -11.37
CA ALA A 178 -5.17 -5.42 -12.29
C ALA A 178 -6.06 -4.20 -12.05
N VAL A 179 -7.39 -4.40 -11.99
CA VAL A 179 -8.43 -3.33 -11.80
C VAL A 179 -8.19 -2.61 -10.46
N ILE A 180 -7.87 -3.35 -9.39
CA ILE A 180 -7.48 -2.81 -8.06
C ILE A 180 -6.21 -1.95 -8.20
N GLY A 181 -5.22 -2.43 -8.97
CA GLY A 181 -4.04 -1.63 -9.33
C GLY A 181 -4.47 -0.28 -9.89
N VAL A 182 -5.45 -0.27 -10.79
CA VAL A 182 -5.92 1.00 -11.44
C VAL A 182 -6.54 1.92 -10.37
N ALA A 183 -7.27 1.35 -9.43
CA ALA A 183 -7.89 2.08 -8.30
C ALA A 183 -6.82 2.87 -7.54
N PHE A 184 -5.72 2.19 -7.14
CA PHE A 184 -4.60 2.76 -6.35
C PHE A 184 -3.86 3.82 -7.15
N SER A 185 -3.57 3.53 -8.41
CA SER A 185 -2.93 4.49 -9.33
C SER A 185 -3.83 5.73 -9.54
N LEU A 186 -5.12 5.55 -9.86
CA LEU A 186 -6.05 6.69 -10.09
C LEU A 186 -6.25 7.43 -8.75
N GLY A 187 -6.44 6.69 -7.66
CA GLY A 187 -6.68 7.26 -6.33
C GLY A 187 -5.53 8.15 -5.91
N PHE A 188 -4.30 7.69 -6.06
CA PHE A 188 -3.07 8.40 -5.63
C PHE A 188 -2.74 9.51 -6.62
N THR A 189 -3.43 9.57 -7.76
CA THR A 189 -3.18 10.60 -8.80
C THR A 189 -4.15 11.77 -8.59
N LEU A 190 -5.45 11.48 -8.60
CA LEU A 190 -6.55 12.47 -8.64
C LEU A 190 -6.85 13.00 -7.23
N GLY A 191 -6.60 12.20 -6.20
CA GLY A 191 -6.87 12.60 -4.80
C GLY A 191 -6.06 13.83 -4.42
N PRO A 192 -4.70 13.75 -4.45
CA PRO A 192 -3.86 14.90 -4.13
C PRO A 192 -4.11 16.10 -5.05
N MET A 193 -4.54 15.84 -6.29
CA MET A 193 -4.90 16.89 -7.28
C MET A 193 -6.10 17.70 -6.76
N LEU A 194 -7.17 17.00 -6.35
CA LEU A 194 -8.39 17.61 -5.77
C LEU A 194 -8.04 18.38 -4.48
N GLY A 195 -7.32 17.71 -3.57
CA GLY A 195 -6.99 18.23 -2.23
C GLY A 195 -6.32 19.59 -2.32
N ALA A 196 -5.30 19.71 -3.17
CA ALA A 196 -4.51 20.94 -3.40
C ALA A 196 -5.36 22.01 -4.11
N SER A 197 -6.49 21.63 -4.74
CA SER A 197 -7.46 22.55 -5.41
C SER A 197 -8.54 23.04 -4.43
N LEU A 198 -8.79 22.31 -3.35
CA LEU A 198 -9.81 22.65 -2.32
C LEU A 198 -9.28 23.69 -1.33
N PRO A 199 -10.12 24.64 -0.89
CA PRO A 199 -9.90 25.36 0.37
C PRO A 199 -9.66 24.39 1.54
N LEU A 200 -8.71 24.68 2.45
CA LEU A 200 -8.26 23.69 3.47
C LEU A 200 -9.44 23.25 4.35
N GLU A 201 -10.28 24.20 4.80
CA GLU A 201 -11.51 23.95 5.64
C GLU A 201 -12.40 22.85 5.06
N MET A 202 -12.48 22.75 3.74
CA MET A 202 -13.45 21.88 3.02
C MET A 202 -12.86 20.49 2.81
N ALA A 203 -11.54 20.37 2.89
CA ALA A 203 -10.81 19.13 2.53
C ALA A 203 -11.30 17.98 3.39
N PRO A 204 -11.34 18.10 4.75
CA PRO A 204 -11.82 17.02 5.61
C PRO A 204 -13.29 16.66 5.36
N TRP A 205 -14.09 17.60 4.83
CA TRP A 205 -15.52 17.37 4.46
C TRP A 205 -15.60 16.51 3.19
N PHE A 206 -14.73 16.73 2.21
CA PHE A 206 -14.67 15.90 0.98
C PHE A 206 -14.22 14.48 1.34
N ALA A 207 -13.20 14.33 2.21
CA ALA A 207 -12.74 13.01 2.69
C ALA A 207 -13.93 12.26 3.29
N LEU A 208 -14.67 12.92 4.16
CA LEU A 208 -15.90 12.39 4.80
C LEU A 208 -16.91 12.01 3.72
N LEU A 209 -17.19 12.87 2.74
CA LEU A 209 -18.17 12.58 1.65
C LEU A 209 -17.76 11.27 0.94
N PHE A 210 -16.50 11.17 0.51
CA PHE A 210 -16.02 9.97 -0.21
C PHE A 210 -16.12 8.74 0.72
N ALA A 211 -15.72 8.87 1.98
CA ALA A 211 -15.71 7.74 2.94
C ALA A 211 -17.14 7.27 3.23
N ALA A 212 -18.10 8.22 3.37
CA ALA A 212 -19.54 7.91 3.60
C ALA A 212 -20.15 7.32 2.33
N SER A 213 -19.81 7.88 1.17
CA SER A 213 -20.22 7.36 -0.16
C SER A 213 -19.76 5.91 -0.33
N ASP A 214 -18.49 5.62 -0.11
CA ASP A 214 -17.93 4.25 -0.15
C ASP A 214 -18.75 3.31 0.76
N LEU A 215 -18.91 3.65 2.05
CA LEU A 215 -19.74 2.88 3.01
C LEU A 215 -21.12 2.60 2.40
N LEU A 216 -21.78 3.63 1.88
CA LEU A 216 -23.20 3.55 1.45
C LEU A 216 -23.27 2.71 0.17
N PHE A 217 -22.31 2.93 -0.72
CA PHE A 217 -22.20 2.22 -2.01
C PHE A 217 -22.04 0.72 -1.75
N ILE A 218 -21.08 0.36 -0.91
CA ILE A 218 -20.80 -1.06 -0.58
C ILE A 218 -22.04 -1.65 0.14
N PHE A 219 -22.68 -0.87 0.99
CA PHE A 219 -23.85 -1.35 1.77
C PHE A 219 -24.92 -1.76 0.76
N CYS A 220 -25.12 -0.96 -0.28
CA CYS A 220 -26.24 -1.14 -1.23
C CYS A 220 -25.90 -2.12 -2.36
N PHE A 221 -24.62 -2.33 -2.70
CA PHE A 221 -24.25 -2.94 -4.00
C PHE A 221 -23.22 -4.07 -3.92
N LEU A 222 -22.39 -4.19 -2.87
CA LEU A 222 -21.43 -5.33 -2.82
C LEU A 222 -22.19 -6.64 -2.55
N PRO A 223 -22.25 -7.59 -3.52
CA PRO A 223 -22.80 -8.92 -3.24
C PRO A 223 -21.83 -9.71 -2.34
N GLU A 224 -22.36 -10.66 -1.56
CA GLU A 224 -21.54 -11.57 -0.71
C GLU A 224 -20.87 -12.56 -1.64
N THR A 225 -19.57 -12.80 -1.48
CA THR A 225 -18.76 -13.72 -2.33
C THR A 225 -18.30 -14.93 -1.49
N LEU A 226 -18.52 -14.94 -0.17
CA LEU A 226 -18.28 -16.14 0.69
C LEU A 226 -19.61 -16.61 1.28
N PRO A 227 -20.24 -17.67 0.72
CA PRO A 227 -21.43 -18.28 1.32
C PRO A 227 -21.14 -18.92 2.69
N LEU A 228 -22.16 -19.01 3.55
CA LEU A 228 -22.06 -19.53 4.95
C LEU A 228 -21.40 -20.92 4.96
N GLU A 229 -21.79 -21.80 4.04
CA GLU A 229 -21.32 -23.22 4.00
C GLU A 229 -19.85 -23.32 3.56
N LYS A 230 -19.16 -22.22 3.19
CA LYS A 230 -17.72 -22.24 2.80
C LYS A 230 -16.83 -21.57 3.87
N ARG A 231 -17.41 -20.98 4.92
CA ARG A 231 -16.67 -20.13 5.90
C ARG A 231 -15.84 -21.00 6.87
N ALA A 232 -14.68 -20.49 7.29
CA ALA A 232 -13.84 -21.02 8.39
C ALA A 232 -14.70 -21.16 9.65
N PRO A 233 -14.60 -22.26 10.42
CA PRO A 233 -15.36 -22.41 11.67
C PRO A 233 -15.01 -21.37 12.75
N SER A 234 -13.72 -20.98 12.84
CA SER A 234 -13.14 -20.11 13.89
C SER A 234 -12.24 -19.02 13.28
N ILE A 235 -12.04 -17.91 14.00
CA ILE A 235 -11.08 -16.82 13.69
C ILE A 235 -9.72 -17.25 14.26
N ALA A 236 -9.67 -17.55 15.55
CA ALA A 236 -8.48 -18.04 16.29
C ALA A 236 -8.91 -18.60 17.66
N LEU A 237 -8.51 -19.82 18.00
CA LEU A 237 -8.99 -20.51 19.24
C LEU A 237 -8.02 -20.21 20.40
N GLY A 238 -6.70 -20.21 20.18
CA GLY A 238 -5.70 -20.06 21.27
C GLY A 238 -4.51 -19.22 20.84
N PHE A 239 -3.59 -18.95 21.78
CA PHE A 239 -2.51 -17.93 21.68
C PHE A 239 -1.62 -18.19 20.44
N ARG A 240 -1.44 -19.45 20.06
CA ARG A 240 -0.64 -19.84 18.88
C ARG A 240 -1.26 -19.27 17.59
N ASP A 241 -2.59 -19.17 17.55
CA ASP A 241 -3.39 -18.65 16.41
C ASP A 241 -3.33 -17.12 16.41
N ALA A 242 -3.36 -16.51 17.59
CA ALA A 242 -3.17 -15.05 17.81
C ALA A 242 -1.81 -14.66 17.20
N ALA A 243 -0.77 -15.40 17.55
CA ALA A 243 0.63 -15.13 17.17
C ALA A 243 0.80 -15.36 15.66
N ASP A 244 0.08 -16.31 15.07
CA ASP A 244 0.05 -16.58 13.60
C ASP A 244 -0.39 -15.35 12.81
N LEU A 245 -1.16 -14.46 13.43
CA LEU A 245 -1.71 -13.26 12.77
C LEU A 245 -0.86 -12.03 13.05
N LEU A 246 0.14 -12.10 13.93
CA LEU A 246 0.79 -10.87 14.47
C LEU A 246 2.32 -10.95 14.34
N SER A 247 2.91 -12.15 14.29
CA SER A 247 4.38 -12.38 14.19
C SER A 247 4.80 -12.25 12.73
N PRO A 248 5.74 -11.34 12.39
CA PRO A 248 6.27 -11.21 11.02
C PRO A 248 6.75 -12.52 10.38
N LEU A 249 7.37 -13.39 11.17
CA LEU A 249 7.89 -14.70 10.68
C LEU A 249 6.72 -15.67 10.40
N ALA A 250 5.70 -15.75 11.27
CA ALA A 250 4.51 -16.60 11.05
C ALA A 250 3.75 -16.12 9.80
N LEU A 251 3.81 -14.82 9.50
CA LEU A 251 3.08 -14.24 8.33
C LEU A 251 3.88 -14.53 7.05
N LEU A 252 5.21 -14.46 7.11
CA LEU A 252 6.10 -14.92 6.01
C LEU A 252 5.92 -16.42 5.72
N ARG A 253 5.78 -17.26 6.76
CA ARG A 253 5.63 -18.73 6.60
C ARG A 253 4.16 -19.07 6.30
N PHE A 254 3.24 -18.08 6.31
CA PHE A 254 1.77 -18.24 6.07
C PHE A 254 1.21 -19.32 7.00
N SER A 255 1.62 -19.34 8.26
CA SER A 255 1.26 -20.39 9.26
C SER A 255 -0.25 -20.41 9.50
N ALA A 256 -0.90 -19.24 9.52
CA ALA A 256 -2.36 -19.16 9.74
C ALA A 256 -3.06 -19.92 8.62
N VAL A 257 -2.66 -19.69 7.35
CA VAL A 257 -3.18 -20.38 6.14
C VAL A 257 -2.85 -21.88 6.22
N ALA A 258 -1.58 -22.22 6.45
CA ALA A 258 -1.08 -23.61 6.51
C ALA A 258 -1.85 -24.42 7.58
N ARG A 259 -2.49 -23.76 8.56
CA ARG A 259 -3.22 -24.43 9.68
C ARG A 259 -4.74 -24.35 9.52
N GLY A 260 -5.25 -23.89 8.38
CA GLY A 260 -6.70 -23.80 8.12
C GLY A 260 -7.28 -25.07 7.51
N GLN A 261 -8.57 -25.03 7.19
CA GLN A 261 -9.34 -26.10 6.50
C GLN A 261 -8.90 -26.21 5.04
N ASP A 262 -8.66 -27.45 4.56
CA ASP A 262 -8.14 -27.77 3.20
C ASP A 262 -7.04 -26.78 2.81
N PRO A 263 -5.94 -26.69 3.60
CA PRO A 263 -4.91 -25.69 3.35
C PRO A 263 -4.01 -26.11 2.19
N PRO A 264 -3.08 -25.28 1.70
CA PRO A 264 -2.02 -25.76 0.81
C PRO A 264 -1.03 -26.58 1.66
N SER A 265 -0.42 -27.61 1.04
CA SER A 265 0.65 -28.45 1.63
C SER A 265 1.78 -28.64 0.61
N GLY A 266 2.89 -29.25 1.03
CA GLY A 266 3.97 -29.68 0.13
C GLY A 266 4.45 -28.55 -0.76
N ASP A 267 4.60 -28.83 -2.06
CA ASP A 267 5.13 -27.90 -3.10
C ASP A 267 4.22 -26.68 -3.17
N ARG A 268 2.90 -26.89 -3.07
CA ARG A 268 1.91 -25.78 -3.15
C ARG A 268 2.15 -24.76 -2.02
N LEU A 269 2.58 -25.19 -0.81
CA LEU A 269 2.77 -24.31 0.37
C LEU A 269 4.12 -23.59 0.32
N SER A 270 5.19 -24.29 -0.08
CA SER A 270 6.49 -23.68 -0.47
C SER A 270 6.30 -22.53 -1.46
N SER A 271 5.46 -22.71 -2.48
CA SER A 271 5.29 -21.71 -3.58
C SER A 271 4.68 -20.44 -3.00
N LEU A 272 3.59 -20.61 -2.25
CA LEU A 272 2.90 -19.55 -1.48
C LEU A 272 3.94 -18.75 -0.67
N ARG A 273 4.79 -19.42 0.11
CA ARG A 273 5.83 -18.77 0.96
C ARG A 273 6.82 -17.98 0.09
N ARG A 274 7.15 -18.53 -1.09
CA ARG A 274 8.21 -17.98 -1.97
C ARG A 274 7.66 -16.71 -2.61
N LEU A 275 6.44 -16.73 -3.10
CA LEU A 275 5.75 -15.52 -3.64
C LEU A 275 5.64 -14.45 -2.54
N GLY A 276 5.48 -14.84 -1.29
CA GLY A 276 5.32 -13.92 -0.16
C GLY A 276 6.64 -13.25 0.14
N LEU A 277 7.72 -14.01 0.16
CA LEU A 277 9.08 -13.48 0.42
C LEU A 277 9.44 -12.50 -0.71
N VAL A 278 9.21 -12.86 -1.96
CA VAL A 278 9.46 -11.94 -3.12
C VAL A 278 8.61 -10.66 -2.96
N TYR A 279 7.31 -10.81 -2.65
CA TYR A 279 6.36 -9.69 -2.40
C TYR A 279 6.94 -8.71 -1.34
N PHE A 280 7.38 -9.24 -0.19
CA PHE A 280 7.94 -8.46 0.93
C PHE A 280 9.23 -7.76 0.49
N LEU A 281 10.13 -8.50 -0.15
CA LEU A 281 11.46 -7.99 -0.55
C LEU A 281 11.30 -6.90 -1.60
N TYR A 282 10.56 -7.19 -2.66
CA TYR A 282 10.18 -6.17 -3.68
C TYR A 282 9.74 -4.89 -2.95
N LEU A 283 8.71 -4.97 -2.12
CA LEU A 283 8.06 -3.76 -1.57
C LEU A 283 8.99 -3.06 -0.57
N PHE A 284 9.80 -3.80 0.19
CA PHE A 284 10.84 -3.22 1.07
C PHE A 284 11.75 -2.31 0.20
N LEU A 285 12.27 -2.83 -0.91
CA LEU A 285 13.22 -2.10 -1.80
C LEU A 285 12.48 -0.98 -2.54
N PHE A 286 11.35 -1.29 -3.16
CA PHE A 286 10.66 -0.30 -4.03
C PHE A 286 10.18 0.88 -3.17
N SER A 287 9.52 0.58 -2.04
CA SER A 287 8.93 1.61 -1.13
C SER A 287 10.03 2.54 -0.59
N GLY A 288 11.26 2.04 -0.41
CA GLY A 288 12.42 2.80 0.07
C GLY A 288 12.89 3.83 -0.95
N LEU A 289 13.16 3.38 -2.18
CA LEU A 289 13.60 4.25 -3.31
C LEU A 289 12.45 5.20 -3.69
N GLU A 290 11.21 4.73 -3.70
CA GLU A 290 10.01 5.56 -4.00
C GLU A 290 9.93 6.71 -3.00
N TYR A 291 10.21 6.47 -1.73
CA TYR A 291 10.17 7.53 -0.69
C TYR A 291 11.34 8.51 -0.89
N THR A 292 12.56 8.01 -1.17
CA THR A 292 13.79 8.84 -1.14
C THR A 292 13.94 9.65 -2.43
N LEU A 293 13.12 9.37 -3.44
CA LEU A 293 12.93 10.18 -4.67
C LEU A 293 12.50 11.62 -4.31
N SER A 294 11.85 11.82 -3.15
CA SER A 294 11.49 13.15 -2.60
C SER A 294 12.77 13.90 -2.18
N PHE A 295 13.73 13.21 -1.58
CA PHE A 295 15.09 13.77 -1.30
C PHE A 295 15.81 14.04 -2.64
N LEU A 296 15.80 13.08 -3.58
CA LEU A 296 16.69 13.16 -4.77
C LEU A 296 16.29 14.32 -5.70
N THR A 297 14.99 14.53 -5.91
CA THR A 297 14.45 15.55 -6.85
C THR A 297 14.64 16.96 -6.24
N HIS A 298 14.53 17.13 -4.92
CA HIS A 298 14.92 18.39 -4.24
C HIS A 298 16.45 18.56 -4.32
N GLN A 299 17.20 17.62 -3.76
CA GLN A 299 18.66 17.75 -3.54
C GLN A 299 19.37 17.99 -4.88
N ARG A 300 19.09 17.16 -5.88
CA ARG A 300 19.78 17.23 -7.19
C ARG A 300 19.16 18.32 -8.08
N PHE A 301 17.84 18.27 -8.33
CA PHE A 301 17.16 19.05 -9.40
C PHE A 301 16.40 20.26 -8.84
N GLN A 302 16.45 20.46 -7.53
CA GLN A 302 15.78 21.61 -6.86
C GLN A 302 14.33 21.71 -7.36
N PHE A 303 13.62 20.57 -7.39
CA PHE A 303 12.15 20.51 -7.58
C PHE A 303 11.45 21.08 -6.35
N SER A 304 10.56 22.06 -6.55
CA SER A 304 9.50 22.47 -5.60
C SER A 304 8.62 21.25 -5.28
N SER A 305 7.82 21.29 -4.21
CA SER A 305 6.86 20.18 -3.91
C SER A 305 5.73 20.17 -4.95
N LEU A 306 5.49 21.30 -5.64
CA LEU A 306 4.54 21.42 -6.77
C LEU A 306 5.04 20.61 -7.97
N GLN A 307 6.32 20.74 -8.30
CA GLN A 307 6.99 19.95 -9.38
C GLN A 307 7.02 18.45 -9.03
N GLN A 308 7.14 18.08 -7.75
CA GLN A 308 7.06 16.67 -7.28
C GLN A 308 5.62 16.17 -7.43
N GLY A 309 4.62 17.00 -7.12
CA GLY A 309 3.23 16.83 -7.57
C GLY A 309 3.13 16.42 -9.05
N LYS A 310 3.60 17.26 -9.99
CA LYS A 310 3.49 17.04 -11.46
C LYS A 310 4.08 15.66 -11.83
N MET A 311 5.29 15.35 -11.34
CA MET A 311 6.06 14.10 -11.60
C MET A 311 5.27 12.86 -11.15
N PHE A 312 4.84 12.80 -9.89
CA PHE A 312 4.04 11.68 -9.31
C PHE A 312 2.70 11.59 -10.06
N PHE A 313 2.10 12.69 -10.47
CA PHE A 313 0.90 12.69 -11.33
C PHE A 313 1.16 11.89 -12.62
N LEU A 314 2.28 12.18 -13.31
CA LEU A 314 2.58 11.53 -14.62
C LEU A 314 2.86 10.06 -14.40
N ILE A 315 3.60 9.75 -13.33
CA ILE A 315 3.93 8.35 -12.91
C ILE A 315 2.61 7.60 -12.69
N GLY A 316 1.71 8.14 -11.87
CA GLY A 316 0.42 7.50 -11.58
C GLY A 316 -0.39 7.24 -12.82
N LEU A 317 -0.39 8.17 -13.79
CA LEU A 317 -1.17 8.06 -15.06
C LEU A 317 -0.57 6.98 -15.96
N THR A 318 0.75 6.92 -16.10
CA THR A 318 1.42 5.86 -16.89
C THR A 318 1.07 4.51 -16.26
N MET A 319 1.22 4.42 -14.95
CA MET A 319 0.99 3.19 -14.12
C MET A 319 -0.46 2.67 -14.31
N ALA A 320 -1.45 3.55 -14.24
CA ALA A 320 -2.87 3.21 -14.50
C ALA A 320 -3.05 2.70 -15.94
N THR A 321 -2.35 3.28 -16.90
CA THR A 321 -2.47 2.88 -18.31
C THR A 321 -1.89 1.48 -18.48
N ILE A 322 -0.68 1.25 -17.96
CA ILE A 322 -0.01 -0.08 -18.03
C ILE A 322 -0.88 -1.11 -17.30
N GLN A 323 -1.38 -0.76 -16.11
CA GLN A 323 -2.22 -1.66 -15.28
C GLN A 323 -3.51 -2.07 -16.03
N GLY A 324 -4.27 -1.07 -16.47
CA GLY A 324 -5.51 -1.23 -17.25
C GLY A 324 -5.29 -1.92 -18.59
N ALA A 325 -4.17 -1.63 -19.27
CA ALA A 325 -4.00 -1.99 -20.72
C ALA A 325 -3.12 -3.24 -20.85
N TYR A 326 -2.02 -3.33 -20.09
CA TYR A 326 -1.08 -4.47 -20.23
C TYR A 326 -1.28 -5.48 -19.08
N ALA A 327 -0.99 -5.11 -17.82
CA ALA A 327 -1.15 -5.99 -16.63
C ALA A 327 -2.46 -6.78 -16.70
N ARG A 328 -3.54 -6.11 -17.10
CA ARG A 328 -4.92 -6.68 -17.12
C ARG A 328 -5.06 -7.71 -18.23
N ARG A 329 -4.16 -7.75 -19.20
CA ARG A 329 -4.29 -8.60 -20.42
C ARG A 329 -3.22 -9.71 -20.44
N ILE A 330 -2.42 -9.84 -19.37
CA ILE A 330 -1.43 -10.95 -19.26
C ILE A 330 -2.22 -12.24 -19.05
N HIS A 331 -2.02 -13.22 -19.95
CA HIS A 331 -2.69 -14.54 -19.94
C HIS A 331 -2.38 -15.19 -18.58
N PRO A 332 -3.39 -15.73 -17.86
CA PRO A 332 -3.13 -16.50 -16.63
C PRO A 332 -2.13 -17.64 -16.91
N GLY A 333 -1.08 -17.76 -16.08
CA GLY A 333 0.07 -18.62 -16.37
C GLY A 333 1.32 -17.79 -16.71
N GLY A 334 1.15 -16.53 -17.13
CA GLY A 334 2.26 -15.61 -17.50
C GLY A 334 2.54 -14.54 -16.46
N GLU A 335 1.84 -14.55 -15.32
CA GLU A 335 2.06 -13.59 -14.20
C GLU A 335 3.55 -13.58 -13.82
N VAL A 336 4.14 -14.76 -13.64
CA VAL A 336 5.49 -14.90 -13.05
C VAL A 336 6.54 -14.41 -14.07
N ALA A 337 6.39 -14.76 -15.35
CA ALA A 337 7.30 -14.30 -16.43
C ALA A 337 7.33 -12.76 -16.47
N ALA A 338 6.16 -12.09 -16.37
CA ALA A 338 6.02 -10.61 -16.39
C ALA A 338 6.67 -9.99 -15.15
N VAL A 339 6.56 -10.63 -13.98
CA VAL A 339 7.19 -10.09 -12.73
C VAL A 339 8.71 -10.16 -12.86
N LYS A 340 9.24 -11.29 -13.31
CA LYS A 340 10.71 -11.44 -13.51
C LYS A 340 11.22 -10.33 -14.43
N ARG A 341 10.50 -10.04 -15.51
CA ARG A 341 10.91 -9.02 -16.52
C ARG A 341 10.82 -7.64 -15.86
N ALA A 342 9.80 -7.37 -15.04
CA ALA A 342 9.68 -6.09 -14.32
C ALA A 342 10.82 -5.95 -13.29
N LEU A 343 11.17 -6.98 -12.54
CA LEU A 343 12.27 -6.86 -11.55
C LEU A 343 13.59 -6.56 -12.27
N LEU A 344 13.83 -7.12 -13.45
CA LEU A 344 15.06 -6.82 -14.24
C LEU A 344 15.03 -5.37 -14.70
N LEU A 345 13.86 -4.89 -15.11
CA LEU A 345 13.72 -3.52 -15.67
C LEU A 345 14.04 -2.47 -14.60
N LEU A 346 13.83 -2.79 -13.33
CA LEU A 346 14.04 -1.87 -12.18
C LEU A 346 15.53 -1.67 -11.89
N VAL A 347 16.41 -2.53 -12.43
CA VAL A 347 17.88 -2.42 -12.17
C VAL A 347 18.36 -1.20 -12.98
N PRO A 348 18.28 -1.17 -14.33
CA PRO A 348 18.51 0.06 -15.09
C PRO A 348 17.61 1.25 -14.67
N ALA A 349 16.34 1.03 -14.37
CA ALA A 349 15.42 2.11 -13.95
C ALA A 349 16.05 2.92 -12.81
N PHE A 350 16.48 2.29 -11.72
CA PHE A 350 16.97 3.01 -10.50
C PHE A 350 18.43 3.45 -10.67
N LEU A 351 19.20 2.79 -11.54
CA LEU A 351 20.56 3.28 -11.89
C LEU A 351 20.41 4.63 -12.61
N LEU A 352 19.41 4.76 -13.50
CA LEU A 352 19.19 6.00 -14.31
C LEU A 352 18.71 7.15 -13.42
N ILE A 353 17.83 6.85 -12.45
CA ILE A 353 17.33 7.82 -11.45
C ILE A 353 18.49 8.21 -10.51
N GLY A 354 19.20 7.21 -9.97
CA GLY A 354 20.27 7.36 -8.97
C GLY A 354 21.39 8.27 -9.43
N TRP A 355 21.82 8.14 -10.71
CA TRP A 355 23.05 8.77 -11.30
C TRP A 355 22.73 9.92 -12.29
N GLY A 356 21.53 9.96 -12.89
CA GLY A 356 21.09 10.96 -13.89
C GLY A 356 21.22 12.39 -13.39
N ARG A 357 21.86 13.25 -14.20
CA ARG A 357 22.22 14.66 -13.88
C ARG A 357 21.42 15.64 -14.75
N SER A 358 20.46 15.15 -15.55
CA SER A 358 19.53 15.95 -16.38
C SER A 358 18.16 15.28 -16.43
N LEU A 359 17.13 16.01 -16.84
CA LEU A 359 15.73 15.55 -16.78
C LEU A 359 15.44 14.46 -17.82
N PRO A 360 16.09 14.42 -19.00
CA PRO A 360 15.92 13.30 -19.94
C PRO A 360 16.29 11.93 -19.37
N VAL A 361 17.41 11.86 -18.65
CA VAL A 361 17.90 10.60 -18.04
C VAL A 361 16.97 10.25 -16.87
N LEU A 362 16.72 11.19 -15.97
CA LEU A 362 15.73 11.00 -14.86
C LEU A 362 14.43 10.50 -15.48
N GLY A 363 13.97 11.15 -16.55
CA GLY A 363 12.69 10.81 -17.21
C GLY A 363 12.65 9.36 -17.66
N LEU A 364 13.73 8.89 -18.28
CA LEU A 364 13.80 7.51 -18.87
C LEU A 364 13.65 6.51 -17.72
N GLY A 365 14.37 6.71 -16.63
CA GLY A 365 14.29 5.86 -15.42
C GLY A 365 12.90 5.85 -14.82
N LEU A 366 12.21 7.00 -14.81
CA LEU A 366 10.83 7.12 -14.27
C LEU A 366 9.83 6.34 -15.15
N LEU A 367 10.02 6.36 -16.46
CA LEU A 367 9.19 5.62 -17.46
C LEU A 367 9.30 4.10 -17.19
N LEU A 368 10.51 3.59 -17.10
CA LEU A 368 10.81 2.18 -16.76
C LEU A 368 10.29 1.83 -15.35
N TYR A 369 10.53 2.72 -14.37
CA TYR A 369 9.96 2.63 -12.99
C TYR A 369 8.47 2.35 -13.11
N SER A 370 7.75 3.13 -13.94
CA SER A 370 6.27 3.10 -14.05
C SER A 370 5.80 1.78 -14.70
N PHE A 371 6.42 1.36 -15.81
CA PHE A 371 6.11 0.09 -16.53
C PHE A 371 6.28 -1.07 -15.55
N ALA A 372 7.41 -1.08 -14.84
CA ALA A 372 7.77 -2.18 -13.93
C ALA A 372 6.90 -2.21 -12.67
N ALA A 373 6.70 -1.09 -11.98
CA ALA A 373 5.90 -1.03 -10.74
C ALA A 373 4.42 -1.35 -11.02
N ALA A 374 3.93 -1.00 -12.21
CA ALA A 374 2.54 -1.26 -12.66
C ALA A 374 2.21 -2.76 -12.57
N VAL A 375 3.16 -3.61 -12.92
CA VAL A 375 2.97 -5.07 -13.14
C VAL A 375 3.07 -5.86 -11.81
N VAL A 376 4.03 -5.52 -10.95
CA VAL A 376 4.56 -6.47 -9.91
C VAL A 376 3.46 -6.79 -8.87
N VAL A 377 2.87 -5.79 -8.22
CA VAL A 377 1.91 -6.01 -7.09
C VAL A 377 0.70 -6.74 -7.63
N PRO A 378 0.10 -6.30 -8.75
CA PRO A 378 -1.05 -7.00 -9.32
C PRO A 378 -0.83 -8.47 -9.72
N CYS A 379 0.25 -8.74 -10.45
CA CYS A 379 0.61 -10.09 -10.95
C CYS A 379 0.88 -11.04 -9.78
N LEU A 380 1.65 -10.60 -8.77
CA LEU A 380 1.94 -11.43 -7.57
C LEU A 380 0.65 -11.68 -6.76
N SER A 381 -0.23 -10.70 -6.59
CA SER A 381 -1.47 -10.87 -5.80
C SER A 381 -2.35 -11.91 -6.49
N SER A 382 -2.37 -11.82 -7.81
CA SER A 382 -3.18 -12.68 -8.73
C SER A 382 -2.75 -14.16 -8.58
N VAL A 383 -1.44 -14.43 -8.49
CA VAL A 383 -0.90 -15.80 -8.34
C VAL A 383 -1.19 -16.25 -6.91
N VAL A 384 -0.88 -15.42 -5.92
CA VAL A 384 -1.11 -15.73 -4.49
C VAL A 384 -2.61 -16.01 -4.27
N ALA A 385 -3.49 -15.22 -4.87
CA ALA A 385 -4.96 -15.35 -4.73
C ALA A 385 -5.44 -16.75 -5.11
N GLY A 386 -4.75 -17.46 -6.03
CA GLY A 386 -5.07 -18.82 -6.52
C GLY A 386 -4.80 -19.91 -5.47
N TYR A 387 -4.03 -19.59 -4.43
CA TYR A 387 -3.74 -20.47 -3.25
C TYR A 387 -4.85 -20.34 -2.19
N GLY A 388 -4.97 -21.38 -1.34
CA GLY A 388 -5.94 -21.42 -0.22
C GLY A 388 -7.27 -22.00 -0.65
N SER A 389 -8.00 -22.64 0.25
CA SER A 389 -9.37 -23.16 -0.03
C SER A 389 -10.37 -21.99 0.06
N PRO A 390 -11.62 -22.15 -0.43
CA PRO A 390 -12.56 -21.04 -0.50
C PRO A 390 -12.68 -20.23 0.80
N GLY A 391 -12.61 -20.89 1.97
CA GLY A 391 -12.77 -20.27 3.30
C GLY A 391 -11.50 -19.67 3.87
N GLN A 392 -10.44 -19.51 3.06
CA GLN A 392 -9.12 -19.01 3.50
C GLN A 392 -8.66 -17.83 2.65
N LYS A 393 -9.50 -17.31 1.75
CA LYS A 393 -9.08 -16.25 0.80
C LYS A 393 -8.77 -14.98 1.60
N GLY A 394 -9.58 -14.66 2.63
CA GLY A 394 -9.34 -13.53 3.54
C GLY A 394 -8.03 -13.67 4.31
N THR A 395 -7.68 -14.89 4.72
CA THR A 395 -6.44 -15.12 5.50
C THR A 395 -5.22 -15.04 4.55
N VAL A 396 -5.35 -15.50 3.30
CA VAL A 396 -4.23 -15.51 2.32
C VAL A 396 -3.89 -14.07 1.93
N MET A 397 -4.88 -13.31 1.44
CA MET A 397 -4.71 -11.91 0.95
C MET A 397 -4.44 -10.95 2.13
N GLY A 398 -5.04 -11.21 3.31
CA GLY A 398 -4.75 -10.44 4.54
C GLY A 398 -3.30 -10.60 4.96
N THR A 399 -2.78 -11.82 4.87
CA THR A 399 -1.35 -12.14 5.11
C THR A 399 -0.47 -11.46 4.07
N LEU A 400 -0.87 -11.47 2.78
CA LEU A 400 -0.09 -10.77 1.72
C LEU A 400 -0.04 -9.26 2.00
N ARG A 401 -1.18 -8.61 2.19
CA ARG A 401 -1.25 -7.15 2.48
C ARG A 401 -0.37 -6.82 3.72
N SER A 402 -0.41 -7.69 4.71
CA SER A 402 0.31 -7.51 5.99
C SER A 402 1.81 -7.44 5.72
N LEU A 403 2.31 -8.33 4.87
CA LEU A 403 3.74 -8.37 4.47
C LEU A 403 4.10 -7.07 3.72
N GLY A 404 3.25 -6.61 2.81
CA GLY A 404 3.42 -5.32 2.12
C GLY A 404 3.49 -4.17 3.13
N ALA A 405 2.62 -4.20 4.14
CA ALA A 405 2.54 -3.13 5.17
C ALA A 405 3.84 -3.11 5.98
N LEU A 406 4.31 -4.29 6.36
CA LEU A 406 5.59 -4.42 7.09
C LEU A 406 6.72 -3.83 6.25
N ALA A 407 6.66 -4.05 4.92
CA ALA A 407 7.71 -3.69 3.95
C ALA A 407 7.74 -2.17 3.82
N ARG A 408 6.55 -1.56 3.66
CA ARG A 408 6.34 -0.09 3.55
C ARG A 408 6.57 0.60 4.90
N ALA A 409 6.54 -0.14 6.01
CA ALA A 409 6.91 0.36 7.37
C ALA A 409 8.43 0.56 7.43
N ALA A 410 9.19 -0.44 7.01
CA ALA A 410 10.66 -0.51 7.22
C ALA A 410 11.40 0.14 6.05
N GLY A 411 10.90 -0.02 4.83
CA GLY A 411 11.53 0.40 3.56
C GLY A 411 12.01 1.85 3.58
N PRO A 412 11.07 2.83 3.70
CA PRO A 412 11.41 4.26 3.81
C PRO A 412 12.52 4.61 4.82
N LEU A 413 12.39 4.10 6.05
CA LEU A 413 13.32 4.41 7.18
C LEU A 413 14.73 3.93 6.82
N VAL A 414 14.85 2.72 6.27
CA VAL A 414 16.17 2.09 6.02
C VAL A 414 16.83 2.74 4.81
N ALA A 415 16.05 3.07 3.78
CA ALA A 415 16.52 3.78 2.57
C ALA A 415 16.95 5.22 2.94
N ALA A 416 16.23 5.87 3.86
CA ALA A 416 16.51 7.25 4.35
C ALA A 416 17.88 7.28 5.06
N SER A 417 18.12 6.31 5.93
CA SER A 417 19.43 6.07 6.60
C SER A 417 20.52 6.03 5.53
N VAL A 418 20.43 5.11 4.57
CA VAL A 418 21.51 4.90 3.58
C VAL A 418 21.58 6.12 2.66
N TYR A 419 20.46 6.69 2.23
CA TYR A 419 20.47 7.94 1.39
C TYR A 419 21.35 9.01 2.05
N TRP A 420 21.12 9.30 3.33
CA TRP A 420 21.78 10.41 4.05
C TRP A 420 23.14 10.00 4.61
N LEU A 421 23.30 8.76 5.09
CA LEU A 421 24.64 8.28 5.55
C LEU A 421 25.56 8.06 4.35
N ALA A 422 25.10 7.46 3.24
CA ALA A 422 25.98 7.02 2.14
C ALA A 422 25.82 7.91 0.90
N GLY A 423 24.71 8.66 0.77
CA GLY A 423 24.47 9.49 -0.42
C GLY A 423 23.57 8.80 -1.41
N ALA A 424 22.91 9.56 -2.29
CA ALA A 424 21.89 9.09 -3.23
C ALA A 424 22.42 7.91 -4.06
N GLN A 425 23.61 8.05 -4.66
CA GLN A 425 24.19 7.03 -5.56
C GLN A 425 24.38 5.71 -4.81
N ALA A 426 24.98 5.77 -3.63
CA ALA A 426 25.21 4.61 -2.75
C ALA A 426 23.90 3.85 -2.55
N CYS A 427 22.84 4.57 -2.18
CA CYS A 427 21.49 4.01 -1.87
C CYS A 427 20.85 3.45 -3.15
N PHE A 428 20.77 4.25 -4.22
CA PHE A 428 20.07 3.87 -5.48
C PHE A 428 20.83 2.74 -6.21
N THR A 429 22.17 2.73 -6.18
CA THR A 429 22.99 1.64 -6.79
C THR A 429 22.75 0.34 -6.01
N THR A 430 22.84 0.40 -4.69
CA THR A 430 22.78 -0.77 -3.78
C THR A 430 21.37 -1.36 -3.83
N TRP A 431 20.33 -0.52 -3.79
CA TRP A 431 18.94 -1.02 -3.83
C TRP A 431 18.69 -1.62 -5.21
N SER A 432 19.30 -1.03 -6.23
CA SER A 432 19.22 -1.51 -7.63
C SER A 432 19.73 -2.96 -7.69
N GLY A 433 20.94 -3.21 -7.16
CA GLY A 433 21.56 -4.53 -7.04
C GLY A 433 20.65 -5.51 -6.31
N LEU A 434 20.04 -5.08 -5.22
CA LEU A 434 19.25 -5.98 -4.34
C LEU A 434 17.96 -6.44 -5.05
N PHE A 435 17.54 -5.79 -6.14
CA PHE A 435 16.36 -6.25 -6.92
C PHE A 435 16.65 -7.65 -7.50
N LEU A 436 17.90 -8.02 -7.72
CA LEU A 436 18.24 -9.37 -8.26
C LEU A 436 17.90 -10.47 -7.23
N LEU A 437 17.75 -10.14 -5.94
CA LEU A 437 17.39 -11.13 -4.88
C LEU A 437 15.97 -11.64 -5.11
N PRO A 438 14.90 -10.81 -5.18
CA PRO A 438 13.57 -11.31 -5.54
C PRO A 438 13.44 -11.90 -6.95
N PHE A 439 14.18 -11.36 -7.92
CA PHE A 439 14.30 -11.96 -9.28
C PHE A 439 14.79 -13.41 -9.17
N PHE A 440 15.92 -13.68 -8.48
CA PHE A 440 16.50 -15.06 -8.41
C PHE A 440 15.59 -15.97 -7.56
N LEU A 441 15.03 -15.46 -6.47
CA LEU A 441 14.08 -16.23 -5.63
C LEU A 441 12.90 -16.74 -6.47
N LEU A 442 12.50 -16.01 -7.53
CA LEU A 442 11.33 -16.37 -8.40
C LEU A 442 11.75 -17.45 -9.42
N GLN A 443 12.89 -17.27 -10.13
CA GLN A 443 13.49 -18.26 -11.06
C GLN A 443 14.06 -19.43 -10.26
C18 OLC B . -17.56 3.94 17.36
C10 OLC B . -11.66 10.10 20.74
C9 OLC B . -10.66 10.94 20.77
C17 OLC B . -16.76 5.12 17.85
C11 OLC B . -12.59 9.84 19.59
C8 OLC B . -10.17 11.80 19.65
C24 OLC B . -5.01 22.74 19.97
C16 OLC B . -17.49 6.44 17.74
C12 OLC B . -13.66 8.82 19.89
C7 OLC B . -10.59 13.23 19.76
C15 OLC B . -16.62 7.68 17.81
C13 OLC B . -14.97 9.07 19.16
C6 OLC B . -9.45 14.20 20.02
C14 OLC B . -15.92 7.88 19.14
C5 OLC B . -9.91 15.62 20.25
C4 OLC B . -8.81 16.61 20.58
C3 OLC B . -9.14 17.57 21.70
C2 OLC B . -8.46 18.90 21.54
C21 OLC B . -6.54 21.08 21.15
C1 OLC B . -7.01 18.88 21.93
C22 OLC B . -5.10 21.52 20.86
O19 OLC B . -6.35 17.88 22.02
O25 OLC B . -6.15 22.89 19.12
O23 OLC B . -4.42 21.77 22.09
O20 OLC B . -6.55 20.10 22.21
C10 OLC C . -14.80 13.98 19.87
C9 OLC C . -14.37 15.03 20.54
C11 OLC C . -15.12 13.92 18.41
C8 OLC C . -13.99 16.36 19.95
C24 OLC C . -10.41 24.95 15.51
C12 OLC C . -15.93 12.72 18.01
C7 OLC C . -14.92 17.48 20.31
C15 OLC C . -17.87 10.83 15.76
C13 OLC C . -16.72 12.88 16.72
C6 OLC C . -14.52 18.83 19.73
C14 OLC C . -16.64 11.70 15.78
C5 OLC C . -13.37 19.49 20.44
C4 OLC C . -12.50 20.38 19.57
C3 OLC C . -11.11 20.67 20.15
C2 OLC C . -10.58 22.04 19.78
C21 OLC C . -9.51 24.27 17.78
C1 OLC C . -9.62 22.05 18.61
C22 OLC C . -9.86 23.83 16.37
O19 OLC C . -9.47 21.14 17.84
O25 OLC C . -10.88 24.45 14.26
O23 OLC C . -8.72 23.25 15.74
O20 OLC C . -8.93 23.19 18.53
C1 CIT D . -2.30 -3.42 -2.09
O1 CIT D . -2.65 -4.58 -2.41
O2 CIT D . -2.54 -2.90 -0.98
C2 CIT D . -1.54 -2.59 -3.10
C3 CIT D . -0.19 -2.03 -2.63
O7 CIT D . -0.40 -1.25 -1.46
C4 CIT D . 0.76 -3.20 -2.30
C5 CIT D . 1.03 -3.46 -0.84
O3 CIT D . 0.64 -4.53 -0.34
O4 CIT D . 1.65 -2.57 -0.19
C6 CIT D . 0.42 -1.13 -3.73
O5 CIT D . -0.27 -0.19 -4.15
O6 CIT D . 1.59 -1.38 -4.12
#